data_5F59
#
_entry.id   5F59
#
_cell.length_a   129.056
_cell.length_b   129.056
_cell.length_c   129.056
_cell.angle_alpha   90.000
_cell.angle_beta   90.000
_cell.angle_gamma   90.000
#
_symmetry.space_group_name_H-M   'P 41 3 2'
#
loop_
_entity.id
_entity.type
_entity.pdbx_description
1 polymer 'Histone-lysine N-methyltransferase 2C'
2 non-polymer 'ZINC ION'
3 non-polymer S-ADENOSYL-L-HOMOCYSTEINE
4 water water
#
_entity_poly.entity_id   1
_entity_poly.type   'polypeptide(L)'
_entity_poly.pdbx_seq_one_letter_code
;SKSSQYRKMKTEWKSNVYLARSRIQGLGLYAARDIEKHTMVIEYIGTIIRNEVANRKEKLYESQNRGVYMFRMDNDHVID
ATLTGGPARYINHSCAPNCVAEVVTFERGHKIIISSSRRIQKGEELCYDYKFDFEDDQHKIPCHCGAVNCRKWM
;
_entity_poly.pdbx_strand_id   A
#
# COMPACT_ATOMS: atom_id res chain seq x y z
N SER A 1 9.57 13.53 -15.68
CA SER A 1 10.50 12.43 -15.41
C SER A 1 10.21 11.66 -14.12
N LYS A 2 9.91 10.36 -14.26
CA LYS A 2 9.67 9.48 -13.11
C LYS A 2 10.73 9.60 -12.00
N SER A 3 12.00 9.62 -12.38
CA SER A 3 13.06 9.67 -11.37
C SER A 3 13.07 11.00 -10.62
N SER A 4 12.61 12.06 -11.26
CA SER A 4 12.57 13.34 -10.57
C SER A 4 11.31 13.39 -9.69
N GLN A 5 10.19 12.90 -10.22
CA GLN A 5 8.99 12.69 -9.41
C GLN A 5 9.30 11.87 -8.17
N TYR A 6 10.03 10.77 -8.38
CA TYR A 6 10.41 9.91 -7.28
C TYR A 6 11.26 10.66 -6.26
N ARG A 7 12.26 11.37 -6.74
CA ARG A 7 13.19 12.08 -5.87
C ARG A 7 12.47 13.13 -5.01
N LYS A 8 11.46 13.74 -5.61
CA LYS A 8 10.64 14.77 -4.96
C LYS A 8 9.73 14.15 -3.90
N MET A 9 9.06 13.07 -4.28
CA MET A 9 8.20 12.35 -3.37
C MET A 9 8.96 11.84 -2.16
N LYS A 10 10.22 11.48 -2.35
CA LYS A 10 11.00 10.94 -1.27
C LYS A 10 11.32 11.97 -0.21
N THR A 11 11.18 13.25 -0.55
CA THR A 11 11.50 14.26 0.44
C THR A 11 10.24 14.93 0.94
N GLU A 12 9.09 14.51 0.40
CA GLU A 12 7.82 15.15 0.73
C GLU A 12 6.78 14.23 1.35
N TRP A 13 6.96 12.92 1.21
CA TRP A 13 5.87 12.00 1.49
C TRP A 13 5.33 12.15 2.92
N LYS A 14 6.21 12.49 3.87
CA LYS A 14 5.81 12.68 5.27
C LYS A 14 4.71 13.74 5.40
N SER A 15 4.67 14.69 4.47
CA SER A 15 3.65 15.72 4.53
C SER A 15 2.48 15.38 3.58
N ASN A 16 2.51 14.18 3.02
CA ASN A 16 1.43 13.71 2.17
C ASN A 16 0.45 12.82 2.94
N VAL A 17 0.88 12.29 4.06
CA VAL A 17 0.09 11.26 4.74
C VAL A 17 0.11 11.39 6.24
N TYR A 18 -0.90 10.82 6.87
CA TYR A 18 -0.87 10.58 8.29
C TYR A 18 -1.61 9.29 8.59
N LEU A 19 -1.33 8.74 9.77
CA LEU A 19 -1.91 7.48 10.22
C LEU A 19 -3.02 7.72 11.24
N ALA A 20 -4.21 7.17 11.00
CA ALA A 20 -5.34 7.35 11.92
C ALA A 20 -6.26 6.15 11.89
N ARG A 21 -7.32 6.17 12.70
CA ARG A 21 -8.24 5.03 12.64
C ARG A 21 -9.01 5.05 11.32
N SER A 22 -9.05 3.88 10.68
CA SER A 22 -9.58 3.71 9.36
C SER A 22 -11.12 3.71 9.34
N ARG A 23 -11.71 4.14 8.23
CA ARG A 23 -13.14 3.93 8.03
C ARG A 23 -13.39 2.58 7.37
N ILE A 24 -12.33 1.80 7.17
CA ILE A 24 -12.42 0.50 6.51
C ILE A 24 -12.08 -0.65 7.45
N GLN A 25 -10.86 -0.66 8.01
CA GLN A 25 -10.50 -1.64 9.05
C GLN A 25 -9.28 -1.15 9.80
N GLY A 26 -9.28 -1.35 11.12
CA GLY A 26 -8.15 -1.05 11.99
C GLY A 26 -7.56 0.30 11.71
N LEU A 27 -6.24 0.34 11.51
CA LEU A 27 -5.55 1.58 11.14
C LEU A 27 -5.51 1.77 9.63
N GLY A 28 -5.41 3.03 9.21
CA GLY A 28 -5.43 3.38 7.79
C GLY A 28 -4.63 4.64 7.51
N LEU A 29 -4.30 4.86 6.25
CA LEU A 29 -3.47 6.01 5.92
C LEU A 29 -4.32 7.06 5.20
N TYR A 30 -4.16 8.32 5.62
CA TYR A 30 -4.96 9.41 5.09
C TYR A 30 -4.12 10.48 4.41
N ALA A 31 -4.69 11.12 3.39
CA ALA A 31 -4.03 12.28 2.77
C ALA A 31 -3.93 13.46 3.75
N ALA A 32 -2.72 13.88 4.07
CA ALA A 32 -2.51 15.01 4.98
C ALA A 32 -2.84 16.35 4.32
N ARG A 33 -2.90 16.36 2.99
CA ARG A 33 -3.22 17.56 2.24
C ARG A 33 -3.89 17.18 0.93
N ASP A 34 -4.33 18.17 0.16
CA ASP A 34 -4.88 17.89 -1.15
C ASP A 34 -3.76 17.35 -2.05
N ILE A 35 -4.11 16.39 -2.90
CA ILE A 35 -3.13 15.73 -3.75
C ILE A 35 -3.68 15.65 -5.15
N GLU A 36 -2.90 16.14 -6.12
CA GLU A 36 -3.35 16.18 -7.50
C GLU A 36 -3.41 14.78 -8.09
N LYS A 37 -4.33 14.57 -9.01
CA LYS A 37 -4.39 13.35 -9.83
C LYS A 37 -3.01 12.95 -10.37
N HIS A 38 -2.79 11.63 -10.48
CA HIS A 38 -1.54 11.04 -11.00
C HIS A 38 -0.31 11.58 -10.29
N THR A 39 -0.30 11.46 -8.98
CA THR A 39 0.81 11.93 -8.18
C THR A 39 1.34 10.84 -7.28
N MET A 40 2.66 10.69 -7.27
CA MET A 40 3.32 9.78 -6.35
C MET A 40 3.10 10.23 -4.92
N VAL A 41 2.48 9.37 -4.12
CA VAL A 41 2.15 9.72 -2.75
C VAL A 41 3.21 9.24 -1.77
N ILE A 42 3.52 7.95 -1.85
CA ILE A 42 4.38 7.29 -0.89
C ILE A 42 4.88 5.95 -1.49
N GLU A 43 6.00 5.44 -0.99
CA GLU A 43 6.53 4.16 -1.47
C GLU A 43 6.19 3.03 -0.51
N TYR A 44 5.91 1.83 -1.03
CA TYR A 44 5.85 0.65 -0.15
C TYR A 44 7.27 0.15 0.09
N ILE A 45 7.75 0.24 1.32
CA ILE A 45 9.11 -0.13 1.59
C ILE A 45 9.19 -1.30 2.54
N GLY A 46 10.31 -2.00 2.50
CA GLY A 46 10.48 -3.16 3.34
C GLY A 46 11.66 -3.97 2.90
N THR A 47 11.60 -5.26 3.18
CA THR A 47 12.69 -6.16 2.87
C THR A 47 12.22 -7.14 1.83
N ILE A 48 12.90 -7.20 0.69
CA ILE A 48 12.46 -8.12 -0.35
C ILE A 48 12.91 -9.54 -0.03
N ILE A 49 11.95 -10.46 0.05
CA ILE A 49 12.25 -11.83 0.40
C ILE A 49 11.50 -12.78 -0.51
N ARG A 50 12.05 -13.98 -0.69
CA ARG A 50 11.44 -15.02 -1.51
CA ARG A 50 11.42 -15.01 -1.52
C ARG A 50 10.10 -15.45 -0.89
N ASN A 51 9.17 -15.92 -1.73
CA ASN A 51 7.85 -16.36 -1.26
C ASN A 51 7.95 -17.40 -0.17
N GLU A 52 8.92 -18.31 -0.32
CA GLU A 52 9.05 -19.42 0.62
C GLU A 52 9.29 -18.89 2.04
N VAL A 53 10.22 -17.95 2.17
CA VAL A 53 10.52 -17.30 3.44
C VAL A 53 9.30 -16.56 4.02
N ALA A 54 8.61 -15.82 3.14
CA ALA A 54 7.41 -15.08 3.51
C ALA A 54 6.33 -16.01 4.05
N ASN A 55 6.08 -17.12 3.36
CA ASN A 55 5.08 -18.09 3.83
C ASN A 55 5.39 -18.61 5.22
N ARG A 56 6.66 -18.90 5.49
CA ARG A 56 7.05 -19.39 6.80
C ARG A 56 6.73 -18.35 7.85
N LYS A 57 7.07 -17.10 7.54
CA LYS A 57 6.80 -15.99 8.44
C LYS A 57 5.30 -15.79 8.70
N GLU A 58 4.51 -15.81 7.63
CA GLU A 58 3.06 -15.66 7.77
C GLU A 58 2.50 -16.75 8.67
N LYS A 59 2.96 -17.97 8.44
CA LYS A 59 2.49 -19.12 9.19
C LYS A 59 2.86 -19.00 10.68
N LEU A 60 4.06 -18.50 10.96
CA LEU A 60 4.48 -18.27 12.34
C LEU A 60 3.65 -17.21 13.04
N TYR A 61 3.32 -16.14 12.33
CA TYR A 61 2.56 -15.05 12.91
C TYR A 61 1.10 -15.43 13.12
N GLU A 62 0.55 -16.24 12.22
CA GLU A 62 -0.84 -16.66 12.35
C GLU A 62 -1.04 -17.53 13.56
N SER A 63 0.01 -18.26 13.93
CA SER A 63 -0.01 -19.07 15.12
C SER A 63 -0.29 -18.23 16.37
N GLN A 64 0.07 -16.95 16.32
CA GLN A 64 -0.21 -16.04 17.43
C GLN A 64 -1.31 -15.08 17.08
N ASN A 65 -2.11 -15.47 16.10
CA ASN A 65 -3.24 -14.66 15.65
C ASN A 65 -2.83 -13.22 15.31
N ARG A 66 -1.69 -13.09 14.65
CA ARG A 66 -1.22 -11.82 14.11
C ARG A 66 -1.07 -11.86 12.60
N GLY A 67 -1.47 -10.77 11.96
CA GLY A 67 -1.25 -10.63 10.53
C GLY A 67 0.16 -10.15 10.23
N VAL A 68 0.47 -10.18 8.94
CA VAL A 68 1.73 -9.64 8.46
C VAL A 68 1.48 -8.46 7.53
N TYR A 69 2.51 -7.67 7.29
CA TYR A 69 2.46 -6.58 6.32
C TYR A 69 3.36 -6.88 5.14
N MET A 70 2.78 -7.35 4.04
CA MET A 70 3.56 -7.84 2.91
C MET A 70 2.92 -7.45 1.59
N PHE A 71 3.70 -6.88 0.68
CA PHE A 71 3.21 -6.63 -0.68
C PHE A 71 3.73 -7.71 -1.63
N ARG A 72 2.85 -8.59 -2.07
CA ARG A 72 3.22 -9.71 -2.94
C ARG A 72 3.59 -9.23 -4.35
N MET A 73 4.70 -9.70 -4.90
CA MET A 73 5.04 -9.33 -6.27
C MET A 73 5.05 -10.53 -7.24
N ASP A 74 5.12 -10.24 -8.53
CA ASP A 74 4.99 -11.28 -9.56
C ASP A 74 6.24 -12.14 -9.72
N ASN A 75 7.37 -11.72 -9.16
CA ASN A 75 8.63 -12.44 -9.33
C ASN A 75 8.92 -13.40 -8.19
N ASP A 76 7.86 -13.94 -7.60
CA ASP A 76 7.94 -14.88 -6.48
C ASP A 76 8.70 -14.29 -5.31
N HIS A 77 8.65 -12.96 -5.22
CA HIS A 77 9.20 -12.25 -4.08
C HIS A 77 8.11 -11.43 -3.40
N VAL A 78 8.47 -10.84 -2.26
CA VAL A 78 7.53 -10.08 -1.45
C VAL A 78 8.25 -8.90 -0.80
N ILE A 79 7.60 -7.74 -0.68
CA ILE A 79 8.21 -6.67 0.14
C ILE A 79 7.65 -6.81 1.55
N ASP A 80 8.52 -7.18 2.48
CA ASP A 80 8.07 -7.50 3.81
C ASP A 80 8.24 -6.29 4.69
N ALA A 81 7.11 -5.69 5.06
CA ALA A 81 7.09 -4.49 5.89
C ALA A 81 6.70 -4.81 7.33
N THR A 82 6.61 -6.09 7.66
CA THR A 82 6.21 -6.53 8.99
C THR A 82 7.15 -6.07 10.11
N LEU A 83 8.44 -5.96 9.82
CA LEU A 83 9.42 -5.59 10.84
C LEU A 83 10.02 -4.24 10.54
N THR A 84 10.46 -4.09 9.30
CA THR A 84 10.97 -2.81 8.83
C THR A 84 10.06 -2.33 7.71
N GLY A 85 9.04 -1.55 8.06
CA GLY A 85 8.13 -1.08 7.05
C GLY A 85 8.02 0.42 7.10
N GLY A 86 7.12 0.94 6.27
CA GLY A 86 6.73 2.33 6.38
C GLY A 86 5.23 2.48 6.34
N PRO A 87 4.76 3.70 6.61
CA PRO A 87 3.33 4.04 6.64
C PRO A 87 2.53 3.43 5.49
N ALA A 88 3.11 3.25 4.31
CA ALA A 88 2.33 2.70 3.19
C ALA A 88 1.79 1.32 3.50
N ARG A 89 2.39 0.62 4.46
CA ARG A 89 1.91 -0.71 4.80
C ARG A 89 0.49 -0.67 5.36
N TYR A 90 0.07 0.50 5.83
CA TYR A 90 -1.22 0.65 6.46
C TYR A 90 -2.33 1.07 5.49
N ILE A 91 -1.99 1.20 4.21
CA ILE A 91 -3.01 1.58 3.24
C ILE A 91 -3.92 0.39 2.94
N ASN A 92 -5.22 0.59 3.15
CA ASN A 92 -6.19 -0.50 3.03
C ASN A 92 -6.67 -0.73 1.61
N HIS A 93 -7.37 -1.84 1.40
CA HIS A 93 -7.91 -2.17 0.09
C HIS A 93 -9.26 -1.50 -0.15
N SER A 94 -9.50 -1.08 -1.38
CA SER A 94 -10.84 -0.66 -1.76
C SER A 94 -11.26 -1.21 -3.10
N CYS A 95 -12.54 -1.58 -3.19
CA CYS A 95 -13.15 -1.93 -4.46
C CYS A 95 -13.30 -0.71 -5.34
N ALA A 96 -13.26 0.48 -4.73
CA ALA A 96 -13.35 1.75 -5.46
C ALA A 96 -12.23 2.69 -5.02
N PRO A 97 -10.99 2.37 -5.40
CA PRO A 97 -9.75 2.99 -4.92
C PRO A 97 -9.59 4.43 -5.35
N ASN A 98 -8.88 5.22 -4.57
CA ASN A 98 -8.39 6.50 -5.07
C ASN A 98 -6.91 6.40 -5.45
N CYS A 99 -6.33 5.23 -5.22
CA CYS A 99 -4.91 5.05 -5.51
C CYS A 99 -4.62 3.79 -6.31
N VAL A 100 -3.47 3.81 -6.97
CA VAL A 100 -2.91 2.59 -7.56
C VAL A 100 -1.54 2.29 -7.00
N ALA A 101 -1.27 1.01 -6.76
CA ALA A 101 0.05 0.55 -6.42
C ALA A 101 0.77 0.12 -7.70
N GLU A 102 1.64 0.98 -8.21
CA GLU A 102 2.25 0.80 -9.52
C GLU A 102 3.73 0.39 -9.42
N VAL A 103 4.13 -0.49 -10.35
CA VAL A 103 5.53 -0.86 -10.55
C VAL A 103 6.29 0.21 -11.34
N VAL A 104 7.38 0.70 -10.78
CA VAL A 104 8.14 1.75 -11.45
C VAL A 104 9.61 1.34 -11.51
N THR A 105 10.08 0.99 -12.70
CA THR A 105 11.45 0.53 -12.88
C THR A 105 12.31 1.61 -13.52
N PHE A 106 13.37 2.01 -12.84
CA PHE A 106 14.22 3.09 -13.36
C PHE A 106 15.60 3.06 -12.71
N GLU A 107 16.40 4.10 -12.94
CA GLU A 107 17.79 4.16 -12.47
C GLU A 107 17.99 3.61 -11.06
N ARG A 108 17.12 3.97 -10.13
CA ARG A 108 17.28 3.58 -8.73
C ARG A 108 16.70 2.20 -8.41
N GLY A 109 15.99 1.60 -9.37
CA GLY A 109 15.56 0.23 -9.20
C GLY A 109 14.12 -0.10 -9.59
N HIS A 110 13.62 -1.13 -8.94
CA HIS A 110 12.32 -1.69 -9.22
C HIS A 110 11.48 -1.48 -7.99
N LYS A 111 10.61 -0.49 -8.03
CA LYS A 111 9.93 -0.03 -6.82
C LYS A 111 8.43 -0.10 -6.96
N ILE A 112 7.75 -0.27 -5.82
CA ILE A 112 6.29 -0.16 -5.76
C ILE A 112 5.90 1.22 -5.24
N ILE A 113 5.36 2.07 -6.11
CA ILE A 113 4.97 3.42 -5.72
C ILE A 113 3.46 3.56 -5.62
N ILE A 114 2.94 4.14 -4.54
CA ILE A 114 1.52 4.38 -4.46
C ILE A 114 1.22 5.74 -5.06
N SER A 115 0.32 5.78 -6.04
CA SER A 115 -0.02 7.05 -6.67
C SER A 115 -1.51 7.31 -6.75
N SER A 116 -1.88 8.58 -6.79
CA SER A 116 -3.28 8.96 -6.85
C SER A 116 -3.81 8.72 -8.25
N SER A 117 -5.02 8.19 -8.32
CA SER A 117 -5.65 7.93 -9.61
C SER A 117 -6.74 8.95 -9.88
N ARG A 118 -6.99 9.80 -8.90
CA ARG A 118 -7.86 10.97 -9.03
C ARG A 118 -7.36 12.05 -8.10
N ARG A 119 -7.97 13.23 -8.17
CA ARG A 119 -7.72 14.30 -7.21
C ARG A 119 -8.17 13.79 -5.83
N ILE A 120 -7.34 13.97 -4.81
CA ILE A 120 -7.66 13.46 -3.48
C ILE A 120 -7.65 14.58 -2.44
N GLN A 121 -8.73 14.71 -1.69
CA GLN A 121 -8.80 15.82 -0.75
C GLN A 121 -8.16 15.43 0.58
N LYS A 122 -7.64 16.44 1.27
CA LYS A 122 -7.18 16.27 2.62
C LYS A 122 -8.21 15.52 3.47
N GLY A 123 -7.78 14.51 4.20
CA GLY A 123 -8.68 13.84 5.11
C GLY A 123 -9.34 12.62 4.52
N GLU A 124 -9.26 12.45 3.20
CA GLU A 124 -9.73 11.21 2.57
C GLU A 124 -8.79 10.10 2.95
N GLU A 125 -9.32 8.93 3.26
CA GLU A 125 -8.46 7.76 3.48
C GLU A 125 -7.96 7.20 2.16
N LEU A 126 -6.67 6.87 2.13
CA LEU A 126 -6.02 6.32 0.94
C LEU A 126 -6.31 4.83 0.80
N CYS A 127 -6.50 4.37 -0.43
CA CYS A 127 -6.75 2.96 -0.66
C CYS A 127 -6.46 2.61 -2.11
N TYR A 128 -6.04 1.37 -2.35
CA TYR A 128 -5.83 0.90 -3.71
C TYR A 128 -6.42 -0.51 -3.82
N ASP A 129 -6.55 -0.99 -5.05
CA ASP A 129 -7.07 -2.33 -5.26
C ASP A 129 -5.96 -3.36 -5.03
N TYR A 130 -6.14 -4.20 -4.01
CA TYR A 130 -5.17 -5.24 -3.70
C TYR A 130 -5.04 -6.27 -4.82
N LYS A 131 -6.11 -6.39 -5.61
CA LYS A 131 -6.18 -7.29 -6.76
C LYS A 131 -6.00 -8.76 -6.34
N PHE A 132 -7.12 -9.42 -6.06
CA PHE A 132 -7.11 -10.76 -5.47
C PHE A 132 -7.19 -11.91 -6.48
N ASP A 133 -6.70 -13.07 -6.07
CA ASP A 133 -6.80 -14.28 -6.89
C ASP A 133 -7.58 -15.38 -6.15
N LYS A 140 -10.53 -16.34 2.12
CA LYS A 140 -11.60 -15.52 1.55
C LYS A 140 -12.42 -14.81 2.64
N ILE A 141 -12.13 -13.54 2.86
CA ILE A 141 -12.80 -12.79 3.94
C ILE A 141 -13.53 -11.54 3.42
N PRO A 142 -14.56 -11.09 4.17
CA PRO A 142 -15.42 -10.00 3.67
C PRO A 142 -14.73 -8.64 3.55
N CYS A 143 -14.99 -7.97 2.43
CA CYS A 143 -14.50 -6.63 2.19
C CYS A 143 -15.35 -5.58 2.91
N HIS A 144 -14.69 -4.60 3.51
CA HIS A 144 -15.35 -3.53 4.23
C HIS A 144 -15.07 -2.15 3.64
N CYS A 145 -14.76 -2.11 2.35
CA CYS A 145 -14.38 -0.84 1.74
C CYS A 145 -15.59 0.09 1.64
N GLY A 146 -16.77 -0.47 1.87
CA GLY A 146 -18.02 0.29 1.81
C GLY A 146 -18.51 0.74 0.43
N ALA A 147 -17.77 0.45 -0.64
CA ALA A 147 -18.14 0.96 -1.96
C ALA A 147 -19.44 0.35 -2.46
N VAL A 148 -20.10 1.07 -3.37
CA VAL A 148 -21.33 0.59 -3.98
C VAL A 148 -21.05 -0.73 -4.71
N ASN A 149 -20.01 -0.74 -5.54
CA ASN A 149 -19.69 -1.92 -6.33
C ASN A 149 -18.63 -2.82 -5.67
N CYS A 150 -18.74 -2.92 -4.34
CA CYS A 150 -17.88 -3.79 -3.56
C CYS A 150 -18.03 -5.24 -4.01
N ARG A 151 -16.92 -5.96 -4.10
CA ARG A 151 -16.94 -7.36 -4.48
C ARG A 151 -17.20 -8.25 -3.26
N LYS A 152 -17.60 -7.63 -2.16
CA LYS A 152 -17.96 -8.33 -0.93
C LYS A 152 -16.83 -9.12 -0.27
N TRP A 153 -15.88 -9.67 -1.04
CA TRP A 153 -14.80 -10.48 -0.45
C TRP A 153 -13.36 -10.09 -0.86
N MET A 154 -12.41 -10.50 -0.04
CA MET A 154 -10.99 -10.33 -0.33
C MET A 154 -10.28 -11.65 -0.61
#